data_1G5F
#
_entry.id   1G5F
#
_cell.length_a   50.860
_cell.length_b   71.890
_cell.length_c   73.290
_cell.angle_alpha   90.00
_cell.angle_beta   90.00
_cell.angle_gamma   90.00
#
_symmetry.space_group_name_H-M   'P 21 21 2'
#
loop_
_entity.id
_entity.type
_entity.pdbx_description
1 polymer '1,3,4,6-TETRACHLORO-1,4-CYCLOHEXADIENE HYDROLASE'
2 non-polymer 'CALCIUM ION'
3 non-polymer 'CHLORIDE ION'
4 non-polymer 1,2-DICHLOROETHANE
5 water water
#
_entity_poly.entity_id   1
_entity_poly.type   'polypeptide(L)'
_entity_poly.pdbx_seq_one_letter_code
;MSLGAKPFGEKKFIEIKGRRMAYIDEGTGDPILFQHGNPTSSYLWRNIMPHCAGLGRLIACDLIGMGDSDKLDPSGPERY
AYAEHRDYLDALWEALDLGDRVVLVVHDWGSALGFDWARRHRERVQGIAYMEAIAMPIEWADFPEQDRDLFQAFRSQAGE
ELVLQDNVFVEQVLPGLILRPLSEAEMAAYREPFLAAGEARRPTLSWPRQIPIAGTPADVVAIARDYAGWLSESPIPKLF
INAEPGALTTGRMRDFCRTWPNQTEITVAGAHFIQEDSPDEIGAAIAAFV(2MR)RLRPA
;
_entity_poly.pdbx_strand_id   A
#
loop_
_chem_comp.id
_chem_comp.type
_chem_comp.name
_chem_comp.formula
CA non-polymer 'CALCIUM ION' 'Ca 2'
CL non-polymer 'CHLORIDE ION' 'Cl -1'
DCE non-polymer 1,2-DICHLOROETHANE 'C2 H4 Cl2'
#
# COMPACT_ATOMS: atom_id res chain seq x y z
N LEU A 3 20.17 4.66 3.19
CA LEU A 3 19.06 3.80 3.66
C LEU A 3 18.97 3.81 5.19
N GLY A 4 18.60 2.68 5.78
CA GLY A 4 18.48 2.60 7.22
C GLY A 4 17.40 1.62 7.64
N ALA A 5 17.65 0.88 8.72
CA ALA A 5 16.68 -0.11 9.20
C ALA A 5 15.83 0.43 10.36
N LYS A 6 16.16 1.61 10.85
CA LYS A 6 15.43 2.21 11.96
C LYS A 6 14.08 2.75 11.52
N PRO A 7 13.02 2.49 12.29
CA PRO A 7 11.67 2.98 11.95
C PRO A 7 11.59 4.50 12.08
N PHE A 8 10.54 5.07 11.47
N PHE A 8 10.63 5.09 11.36
CA PHE A 8 10.30 6.50 11.53
CA PHE A 8 10.49 6.55 11.35
C PHE A 8 9.31 6.73 12.66
C PHE A 8 10.13 7.21 12.67
N GLY A 9 9.75 7.41 13.72
N GLY A 9 9.02 6.78 13.27
CA GLY A 9 8.88 7.66 14.84
CA GLY A 9 8.61 7.35 14.53
C GLY A 9 8.52 6.42 15.64
C GLY A 9 8.13 6.26 15.47
N GLU A 10 7.72 6.63 16.68
CA GLU A 10 7.26 5.59 17.58
C GLU A 10 5.85 5.18 17.19
N LYS A 11 5.51 3.92 17.45
CA LYS A 11 4.19 3.41 17.10
C LYS A 11 3.14 3.82 18.14
N LYS A 12 2.01 4.32 17.65
CA LYS A 12 0.91 4.72 18.51
C LYS A 12 -0.22 3.71 18.31
N PHE A 13 -1.07 3.55 19.32
CA PHE A 13 -2.18 2.60 19.22
C PHE A 13 -3.52 3.23 19.55
N ILE A 14 -4.56 2.76 18.86
CA ILE A 14 -5.90 3.26 19.08
C ILE A 14 -6.87 2.12 18.84
N GLU A 15 -7.91 2.03 19.67
CA GLU A 15 -8.88 0.95 19.51
C GLU A 15 -9.88 1.27 18.42
N ILE A 16 -10.07 0.31 17.52
CA ILE A 16 -11.00 0.45 16.40
C ILE A 16 -11.83 -0.82 16.29
N LYS A 17 -13.15 -0.67 16.38
CA LYS A 17 -14.06 -1.80 16.27
C LYS A 17 -13.64 -2.94 17.19
N GLY A 18 -13.20 -2.59 18.40
CA GLY A 18 -12.79 -3.60 19.36
C GLY A 18 -11.38 -4.14 19.20
N ARG A 19 -10.68 -3.71 18.16
CA ARG A 19 -9.32 -4.16 17.92
C ARG A 19 -8.36 -2.99 18.02
N ARG A 20 -7.13 -3.27 18.40
CA ARG A 20 -6.13 -2.22 18.52
C ARG A 20 -5.34 -2.13 17.22
N MET A 21 -5.26 -0.93 16.65
CA MET A 21 -4.52 -0.72 15.42
C MET A 21 -3.33 0.19 15.69
N ALA A 22 -2.22 -0.08 15.02
CA ALA A 22 -1.00 0.70 15.20
C ALA A 22 -0.75 1.64 14.03
N TYR A 23 -0.11 2.77 14.34
CA TYR A 23 0.18 3.76 13.31
C TYR A 23 1.23 4.75 13.79
N ILE A 24 1.83 5.44 12.82
CA ILE A 24 2.83 6.47 13.09
C ILE A 24 2.11 7.78 12.78
N ASP A 25 2.33 8.79 13.63
CA ASP A 25 1.69 10.10 13.47
C ASP A 25 2.66 11.12 14.04
N GLU A 26 3.36 11.82 13.16
CA GLU A 26 4.36 12.81 13.59
C GLU A 26 4.12 14.18 12.96
N GLY A 27 4.31 15.23 13.75
CA GLY A 27 4.12 16.57 13.24
C GLY A 27 2.71 17.09 13.36
N THR A 28 2.46 18.25 12.75
CA THR A 28 1.14 18.85 12.80
C THR A 28 0.79 19.50 11.47
N GLY A 29 -0.49 19.80 11.28
CA GLY A 29 -0.93 20.42 10.04
C GLY A 29 -1.69 19.42 9.20
N ASP A 30 -1.86 19.71 7.91
CA ASP A 30 -2.57 18.80 7.03
C ASP A 30 -1.77 17.52 6.87
N PRO A 31 -2.47 16.38 6.85
CA PRO A 31 -1.76 15.09 6.70
C PRO A 31 -1.22 14.68 5.36
N ILE A 32 -0.15 13.90 5.44
CA ILE A 32 0.49 13.29 4.28
C ILE A 32 0.36 11.86 4.77
N LEU A 33 -0.61 11.15 4.20
CA LEU A 33 -0.94 9.79 4.62
C LEU A 33 -0.32 8.70 3.75
N PHE A 34 0.63 7.96 4.33
CA PHE A 34 1.32 6.88 3.63
C PHE A 34 0.70 5.53 3.93
N GLN A 35 0.25 4.81 2.89
CA GLN A 35 -0.37 3.52 3.12
C GLN A 35 0.30 2.36 2.40
N HIS A 36 0.82 1.42 3.19
CA HIS A 36 1.50 0.22 2.69
C HIS A 36 0.53 -0.83 2.17
N GLY A 37 1.10 -1.86 1.54
CA GLY A 37 0.32 -2.95 1.00
C GLY A 37 0.76 -4.30 1.56
N ASN A 38 0.73 -5.33 0.72
CA ASN A 38 1.10 -6.68 1.15
C ASN A 38 2.51 -7.08 0.73
N PRO A 39 3.30 -7.68 1.64
CA PRO A 39 3.04 -8.05 3.05
C PRO A 39 3.84 -7.11 3.96
N THR A 40 3.72 -5.82 3.73
CA THR A 40 4.49 -4.84 4.50
C THR A 40 3.72 -4.18 5.64
N SER A 41 4.18 -3.01 6.06
CA SER A 41 3.57 -2.24 7.13
C SER A 41 4.07 -0.81 7.00
N SER A 42 3.80 0.00 8.01
CA SER A 42 4.23 1.40 8.01
C SER A 42 5.75 1.47 7.82
N TYR A 43 6.43 0.39 8.22
CA TYR A 43 7.88 0.28 8.13
C TYR A 43 8.40 0.55 6.72
N LEU A 44 7.58 0.22 5.73
CA LEU A 44 7.94 0.42 4.33
C LEU A 44 8.30 1.86 3.99
N TRP A 45 7.72 2.81 4.71
CA TRP A 45 7.95 4.22 4.45
C TRP A 45 9.00 4.91 5.33
N ARG A 46 9.67 4.15 6.19
CA ARG A 46 10.65 4.72 7.12
C ARG A 46 11.70 5.66 6.53
N ASN A 47 12.20 5.36 5.33
CA ASN A 47 13.23 6.21 4.74
C ASN A 47 12.68 7.25 3.75
N ILE A 48 11.37 7.26 3.61
CA ILE A 48 10.71 8.17 2.69
C ILE A 48 10.03 9.31 3.46
N MET A 49 9.37 8.98 4.56
CA MET A 49 8.69 9.99 5.36
C MET A 49 9.59 11.13 5.84
N PRO A 50 10.87 10.85 6.14
CA PRO A 50 11.76 11.93 6.60
C PRO A 50 11.86 13.11 5.62
N HIS A 51 11.80 12.81 4.32
CA HIS A 51 11.89 13.86 3.30
C HIS A 51 10.74 14.85 3.35
N CYS A 52 9.66 14.48 4.02
CA CYS A 52 8.51 15.37 4.12
C CYS A 52 8.46 16.14 5.44
N ALA A 53 9.56 16.09 6.19
CA ALA A 53 9.62 16.79 7.47
C ALA A 53 9.25 18.25 7.26
N GLY A 54 8.40 18.76 8.16
CA GLY A 54 7.98 20.16 8.08
C GLY A 54 6.93 20.49 7.03
N LEU A 55 6.47 19.49 6.29
CA LEU A 55 5.47 19.73 5.25
C LEU A 55 4.06 19.41 5.71
N GLY A 56 3.96 18.87 6.92
CA GLY A 56 2.65 18.54 7.47
C GLY A 56 2.70 17.42 8.48
N ARG A 57 1.52 16.85 8.74
CA ARG A 57 1.37 15.75 9.70
C ARG A 57 1.63 14.45 8.95
N LEU A 58 2.75 13.79 9.28
CA LEU A 58 3.14 12.55 8.63
C LEU A 58 2.54 11.32 9.30
N ILE A 59 1.69 10.62 8.57
CA ILE A 59 0.99 9.45 9.09
C ILE A 59 1.19 8.19 8.26
N ALA A 60 1.37 7.06 8.96
CA ALA A 60 1.54 5.76 8.31
C ALA A 60 0.86 4.71 9.19
N CYS A 61 -0.26 4.16 8.70
CA CYS A 61 -1.03 3.18 9.45
C CYS A 61 -0.71 1.73 9.09
N ASP A 62 -0.77 0.85 10.09
CA ASP A 62 -0.55 -0.58 9.85
C ASP A 62 -1.94 -1.18 9.64
N LEU A 63 -2.16 -1.77 8.47
CA LEU A 63 -3.46 -2.39 8.18
C LEU A 63 -3.78 -3.43 9.24
N ILE A 64 -5.07 -3.72 9.43
CA ILE A 64 -5.46 -4.70 10.42
C ILE A 64 -4.77 -6.04 10.14
N GLY A 65 -4.30 -6.69 11.20
CA GLY A 65 -3.63 -7.97 11.05
C GLY A 65 -2.21 -7.87 10.54
N MET A 66 -1.73 -6.64 10.32
CA MET A 66 -0.39 -6.43 9.82
C MET A 66 0.39 -5.46 10.70
N GLY A 67 1.70 -5.43 10.53
CA GLY A 67 2.53 -4.56 11.35
C GLY A 67 2.27 -4.82 12.83
N ASP A 68 2.05 -3.76 13.59
CA ASP A 68 1.78 -3.90 15.02
C ASP A 68 0.29 -3.87 15.33
N SER A 69 -0.55 -3.93 14.30
CA SER A 69 -1.99 -3.92 14.51
C SER A 69 -2.47 -5.31 14.93
N ASP A 70 -3.56 -5.36 15.70
CA ASP A 70 -4.11 -6.61 16.18
C ASP A 70 -4.52 -7.57 15.08
N LYS A 71 -4.46 -8.85 15.39
CA LYS A 71 -4.87 -9.90 14.45
C LYS A 71 -6.36 -10.04 14.68
N LEU A 72 -7.07 -10.50 13.66
CA LEU A 72 -8.51 -10.71 13.79
C LEU A 72 -8.69 -12.16 14.23
N ASP A 73 -9.60 -12.41 15.14
CA ASP A 73 -9.85 -13.79 15.58
C ASP A 73 -11.32 -14.00 15.87
N PRO A 74 -11.86 -15.16 15.49
CA PRO A 74 -11.14 -16.24 14.81
C PRO A 74 -10.82 -15.90 13.36
N SER A 75 -9.66 -16.36 12.89
CA SER A 75 -9.22 -16.10 11.53
C SER A 75 -9.43 -17.32 10.65
N GLY A 76 -9.59 -17.09 9.35
CA GLY A 76 -9.81 -18.18 8.42
C GLY A 76 -9.79 -17.71 6.99
N PRO A 77 -10.17 -18.57 6.03
CA PRO A 77 -10.20 -18.24 4.60
C PRO A 77 -11.11 -17.07 4.22
N GLU A 78 -12.11 -16.79 5.05
CA GLU A 78 -13.04 -15.71 4.79
C GLU A 78 -12.64 -14.39 5.45
N ARG A 79 -11.56 -14.42 6.22
CA ARG A 79 -11.10 -13.22 6.92
C ARG A 79 -10.05 -12.42 6.14
N TYR A 80 -9.98 -11.12 6.43
CA TYR A 80 -9.03 -10.21 5.80
C TYR A 80 -9.26 -9.91 4.31
N ALA A 81 -10.51 -9.97 3.88
CA ALA A 81 -10.82 -9.64 2.50
C ALA A 81 -10.73 -8.12 2.40
N TYR A 82 -10.68 -7.59 1.18
CA TYR A 82 -10.59 -6.14 0.98
C TYR A 82 -11.65 -5.36 1.75
N ALA A 83 -12.90 -5.84 1.66
CA ALA A 83 -14.02 -5.17 2.34
C ALA A 83 -13.78 -5.03 3.83
N GLU A 84 -13.22 -6.06 4.45
CA GLU A 84 -12.97 -6.05 5.87
C GLU A 84 -11.86 -5.04 6.20
N HIS A 85 -10.79 -5.05 5.40
CA HIS A 85 -9.70 -4.11 5.60
C HIS A 85 -10.22 -2.67 5.47
N ARG A 86 -11.12 -2.47 4.52
CA ARG A 86 -11.68 -1.14 4.30
C ARG A 86 -12.47 -0.65 5.50
N ASP A 87 -13.23 -1.54 6.12
CA ASP A 87 -14.01 -1.17 7.29
C ASP A 87 -13.11 -0.69 8.43
N TYR A 88 -12.01 -1.39 8.66
CA TYR A 88 -11.10 -0.99 9.72
C TYR A 88 -10.31 0.27 9.37
N LEU A 89 -9.79 0.34 8.14
CA LEU A 89 -9.01 1.51 7.74
C LEU A 89 -9.88 2.76 7.71
N ASP A 90 -11.12 2.63 7.23
CA ASP A 90 -12.04 3.76 7.16
C ASP A 90 -12.26 4.30 8.57
N ALA A 91 -12.47 3.40 9.52
CA ALA A 91 -12.71 3.78 10.91
C ALA A 91 -11.49 4.42 11.55
N LEU A 92 -10.31 3.89 11.24
CA LEU A 92 -9.07 4.44 11.79
C LEU A 92 -8.83 5.85 11.23
N TRP A 93 -8.96 6.01 9.92
CA TRP A 93 -8.75 7.31 9.29
C TRP A 93 -9.74 8.36 9.79
N GLU A 94 -10.92 7.90 10.18
CA GLU A 94 -11.94 8.80 10.71
C GLU A 94 -11.52 9.21 12.12
N ALA A 95 -11.04 8.25 12.89
CA ALA A 95 -10.60 8.49 14.26
C ALA A 95 -9.41 9.43 14.36
N LEU A 96 -8.56 9.42 13.34
CA LEU A 96 -7.37 10.26 13.34
C LEU A 96 -7.63 11.74 13.07
N ASP A 97 -8.86 12.09 12.69
CA ASP A 97 -9.23 13.47 12.43
C ASP A 97 -8.27 14.11 11.42
N LEU A 98 -8.34 13.62 10.18
CA LEU A 98 -7.47 14.06 9.09
C LEU A 98 -7.78 15.41 8.46
N GLY A 99 -9.02 15.89 8.60
CA GLY A 99 -9.37 17.16 8.00
C GLY A 99 -9.75 17.02 6.53
N ASP A 100 -9.80 18.12 5.80
CA ASP A 100 -10.20 18.06 4.39
C ASP A 100 -9.17 18.42 3.33
N ARG A 101 -7.88 18.36 3.66
CA ARG A 101 -6.81 18.64 2.69
C ARG A 101 -5.75 17.57 2.90
N VAL A 102 -6.13 16.33 2.61
CA VAL A 102 -5.25 15.17 2.77
C VAL A 102 -4.45 14.82 1.52
N VAL A 103 -3.17 14.53 1.70
CA VAL A 103 -2.34 14.08 0.59
C VAL A 103 -2.10 12.60 0.83
N LEU A 104 -2.49 11.77 -0.12
CA LEU A 104 -2.32 10.33 0.00
C LEU A 104 -1.07 9.85 -0.76
N VAL A 105 -0.31 8.95 -0.14
CA VAL A 105 0.88 8.36 -0.74
C VAL A 105 0.61 6.87 -0.61
N VAL A 106 0.35 6.21 -1.73
CA VAL A 106 -0.02 4.80 -1.69
C VAL A 106 0.82 3.83 -2.53
N HIS A 107 0.68 2.55 -2.20
CA HIS A 107 1.40 1.48 -2.85
C HIS A 107 0.65 0.15 -2.71
N ASP A 108 0.68 -0.67 -3.76
CA ASP A 108 0.06 -1.99 -3.72
C ASP A 108 -1.37 -1.93 -3.17
N TRP A 109 -1.70 -2.79 -2.22
CA TRP A 109 -3.05 -2.79 -1.66
C TRP A 109 -3.37 -1.49 -0.96
N GLY A 110 -2.35 -0.74 -0.57
CA GLY A 110 -2.58 0.54 0.06
C GLY A 110 -3.16 1.50 -0.96
N SER A 111 -2.86 1.27 -2.24
CA SER A 111 -3.37 2.12 -3.31
C SER A 111 -4.82 1.78 -3.61
N ALA A 112 -5.16 0.49 -3.59
CA ALA A 112 -6.54 0.08 -3.83
C ALA A 112 -7.43 0.70 -2.75
N LEU A 113 -6.97 0.60 -1.50
CA LEU A 113 -7.70 1.15 -0.37
C LEU A 113 -7.73 2.67 -0.44
N GLY A 114 -6.58 3.27 -0.71
CA GLY A 114 -6.47 4.72 -0.82
C GLY A 114 -7.25 5.30 -1.98
N PHE A 115 -7.22 4.65 -3.14
CA PHE A 115 -7.94 5.15 -4.31
C PHE A 115 -9.45 5.11 -4.03
N ASP A 116 -9.91 4.03 -3.41
CA ASP A 116 -11.32 3.88 -3.09
C ASP A 116 -11.76 4.91 -2.06
N TRP A 117 -10.92 5.13 -1.04
CA TRP A 117 -11.26 6.12 -0.02
C TRP A 117 -11.32 7.50 -0.67
N ALA A 118 -10.37 7.78 -1.56
CA ALA A 118 -10.32 9.08 -2.24
C ALA A 118 -11.57 9.34 -3.07
N ARG A 119 -12.04 8.32 -3.78
CA ARG A 119 -13.24 8.46 -4.60
C ARG A 119 -14.43 8.79 -3.70
N ARG A 120 -14.51 8.11 -2.56
CA ARG A 120 -15.61 8.29 -1.62
C ARG A 120 -15.52 9.58 -0.79
N HIS A 121 -14.33 10.14 -0.67
CA HIS A 121 -14.12 11.37 0.11
C HIS A 121 -13.33 12.39 -0.71
N ARG A 122 -13.60 12.42 -2.01
CA ARG A 122 -12.89 13.28 -2.96
C ARG A 122 -12.71 14.76 -2.58
N GLU A 123 -13.66 15.33 -1.86
N GLU A 123 -13.66 15.33 -1.86
CA GLU A 123 -13.56 16.73 -1.47
CA GLU A 123 -13.57 16.73 -1.48
C GLU A 123 -12.47 16.97 -0.43
C GLU A 123 -12.47 16.97 -0.44
N ARG A 124 -12.01 15.90 0.20
CA ARG A 124 -10.99 15.99 1.23
C ARG A 124 -9.58 15.64 0.74
N VAL A 125 -9.47 15.28 -0.53
CA VAL A 125 -8.18 14.90 -1.10
C VAL A 125 -7.50 16.01 -1.87
N GLN A 126 -6.38 16.46 -1.33
CA GLN A 126 -5.59 17.53 -1.92
C GLN A 126 -4.66 17.02 -3.01
N GLY A 127 -4.20 15.78 -2.89
CA GLY A 127 -3.30 15.23 -3.88
C GLY A 127 -3.08 13.74 -3.67
N ILE A 128 -2.70 13.05 -4.74
CA ILE A 128 -2.47 11.60 -4.65
C ILE A 128 -1.15 11.19 -5.29
N ALA A 129 -0.29 10.58 -4.50
CA ALA A 129 0.98 10.09 -4.99
C ALA A 129 0.88 8.56 -4.95
N TYR A 130 1.18 7.91 -6.07
CA TYR A 130 1.09 6.45 -6.11
C TYR A 130 2.23 5.81 -6.87
N MET A 131 2.46 4.53 -6.59
CA MET A 131 3.53 3.76 -7.21
C MET A 131 3.19 2.27 -7.08
N GLU A 132 3.55 1.50 -8.11
CA GLU A 132 3.29 0.06 -8.11
C GLU A 132 1.96 -0.21 -7.43
N ALA A 133 0.92 0.33 -8.03
CA ALA A 133 -0.43 0.25 -7.50
C ALA A 133 -1.36 -0.67 -8.28
N ILE A 134 -2.54 -0.88 -7.72
CA ILE A 134 -3.58 -1.67 -8.36
C ILE A 134 -4.52 -0.59 -8.85
N ALA A 135 -4.20 -0.07 -10.04
CA ALA A 135 -4.96 1.03 -10.62
C ALA A 135 -6.21 0.66 -11.39
N MET A 136 -6.39 -0.63 -11.66
CA MET A 136 -7.55 -1.09 -12.41
C MET A 136 -7.61 -2.60 -12.41
N PRO A 137 -8.77 -3.17 -12.83
CA PRO A 137 -8.89 -4.63 -12.87
C PRO A 137 -7.96 -5.08 -14.00
N ILE A 138 -7.32 -6.24 -13.85
CA ILE A 138 -6.43 -6.70 -14.90
C ILE A 138 -6.70 -8.14 -15.32
N GLU A 139 -5.96 -8.59 -16.33
CA GLU A 139 -6.08 -9.95 -16.84
C GLU A 139 -4.78 -10.63 -16.47
N TRP A 140 -4.73 -11.96 -16.58
CA TRP A 140 -3.50 -12.66 -16.25
C TRP A 140 -2.34 -12.24 -17.13
N ALA A 141 -2.63 -11.87 -18.38
CA ALA A 141 -1.59 -11.43 -19.31
C ALA A 141 -0.94 -10.12 -18.84
N ASP A 142 -1.63 -9.40 -17.95
CA ASP A 142 -1.12 -8.13 -17.43
C ASP A 142 -0.27 -8.33 -16.18
N PHE A 143 -0.33 -9.52 -15.60
CA PHE A 143 0.43 -9.82 -14.39
C PHE A 143 1.86 -10.22 -14.73
N PRO A 144 2.85 -9.69 -13.99
CA PRO A 144 4.26 -10.01 -14.23
C PRO A 144 4.46 -11.49 -14.51
N GLU A 145 5.07 -11.79 -15.65
CA GLU A 145 5.30 -13.16 -16.08
C GLU A 145 6.05 -14.06 -15.09
N GLN A 146 7.10 -13.54 -14.46
CA GLN A 146 7.87 -14.34 -13.53
C GLN A 146 7.13 -14.75 -12.26
N ASP A 147 6.13 -13.98 -11.87
CA ASP A 147 5.38 -14.29 -10.65
C ASP A 147 3.98 -14.83 -10.92
N ARG A 148 3.64 -14.95 -12.19
CA ARG A 148 2.32 -15.41 -12.60
C ARG A 148 1.93 -16.76 -11.99
N ASP A 149 2.78 -17.77 -12.16
CA ASP A 149 2.51 -19.10 -11.62
C ASP A 149 2.30 -19.09 -10.11
N LEU A 150 3.19 -18.42 -9.40
CA LEU A 150 3.11 -18.34 -7.95
C LEU A 150 1.80 -17.72 -7.45
N PHE A 151 1.38 -16.63 -8.07
CA PHE A 151 0.15 -16.00 -7.62
C PHE A 151 -1.08 -16.81 -7.98
N GLN A 152 -1.00 -17.59 -9.05
CA GLN A 152 -2.13 -18.43 -9.41
C GLN A 152 -2.21 -19.49 -8.32
N ALA A 153 -1.04 -19.92 -7.84
CA ALA A 153 -0.95 -20.92 -6.78
C ALA A 153 -1.53 -20.39 -5.47
N PHE A 154 -1.25 -19.12 -5.15
CA PHE A 154 -1.81 -18.52 -3.93
C PHE A 154 -3.32 -18.58 -4.04
N ARG A 155 -3.81 -18.36 -5.27
CA ARG A 155 -5.24 -18.35 -5.54
C ARG A 155 -5.76 -19.76 -5.82
N SER A 156 -5.20 -20.74 -5.12
CA SER A 156 -5.61 -22.14 -5.25
C SER A 156 -5.51 -22.78 -3.88
N GLN A 157 -5.84 -24.06 -3.79
CA GLN A 157 -5.78 -24.77 -2.52
C GLN A 157 -4.36 -24.91 -1.98
N ALA A 158 -3.37 -24.62 -2.82
CA ALA A 158 -1.98 -24.72 -2.40
C ALA A 158 -1.55 -23.48 -1.60
N GLY A 159 -2.37 -22.44 -1.65
CA GLY A 159 -2.06 -21.21 -0.96
C GLY A 159 -1.77 -21.31 0.54
N GLU A 160 -2.60 -22.05 1.25
CA GLU A 160 -2.41 -22.20 2.69
C GLU A 160 -1.02 -22.73 3.05
N GLU A 161 -0.57 -23.77 2.35
CA GLU A 161 0.74 -24.33 2.63
C GLU A 161 1.86 -23.34 2.28
N LEU A 162 1.74 -22.72 1.12
CA LEU A 162 2.73 -21.75 0.68
C LEU A 162 2.89 -20.58 1.64
N VAL A 163 1.77 -20.01 2.05
CA VAL A 163 1.75 -18.85 2.93
C VAL A 163 1.63 -19.08 4.42
N LEU A 164 0.55 -19.71 4.86
CA LEU A 164 0.36 -19.95 6.29
C LEU A 164 1.47 -20.82 6.88
N GLN A 165 1.88 -21.87 6.16
CA GLN A 165 2.91 -22.76 6.67
C GLN A 165 4.34 -22.28 6.39
N ASP A 166 4.60 -21.92 5.14
CA ASP A 166 5.95 -21.51 4.76
C ASP A 166 6.25 -20.01 4.62
N ASN A 167 5.25 -19.17 4.86
CA ASN A 167 5.43 -17.72 4.81
C ASN A 167 6.11 -17.22 3.52
N VAL A 168 5.72 -17.80 2.39
CA VAL A 168 6.30 -17.45 1.10
C VAL A 168 6.20 -15.97 0.70
N PHE A 169 5.09 -15.32 1.02
CA PHE A 169 4.97 -13.92 0.61
C PHE A 169 6.01 -13.04 1.29
N VAL A 170 6.25 -13.29 2.58
CA VAL A 170 7.23 -12.51 3.34
C VAL A 170 8.69 -12.91 3.04
N GLU A 171 8.95 -14.22 3.03
CA GLU A 171 10.32 -14.70 2.84
C GLU A 171 10.80 -14.86 1.39
N GLN A 172 9.88 -14.97 0.45
CA GLN A 172 10.26 -15.15 -0.95
C GLN A 172 9.89 -13.99 -1.87
N VAL A 173 8.60 -13.65 -1.91
CA VAL A 173 8.13 -12.58 -2.76
C VAL A 173 8.74 -11.22 -2.42
N LEU A 174 8.69 -10.85 -1.13
CA LEU A 174 9.23 -9.56 -0.68
C LEU A 174 10.67 -9.31 -1.13
N PRO A 175 11.62 -10.18 -0.76
CA PRO A 175 13.01 -9.97 -1.16
C PRO A 175 13.19 -10.11 -2.67
N GLY A 176 12.40 -11.01 -3.25
CA GLY A 176 12.49 -11.24 -4.68
C GLY A 176 12.12 -10.04 -5.52
N LEU A 177 11.33 -9.14 -4.97
CA LEU A 177 10.90 -7.94 -5.70
C LEU A 177 11.58 -6.65 -5.23
N ILE A 178 12.77 -6.80 -4.64
CA ILE A 178 13.58 -5.68 -4.18
C ILE A 178 14.94 -5.94 -4.84
N LEU A 179 15.47 -4.94 -5.55
CA LEU A 179 16.73 -5.10 -6.26
C LEU A 179 17.98 -5.16 -5.38
N ARG A 180 17.99 -4.41 -4.29
CA ARG A 180 19.16 -4.42 -3.42
C ARG A 180 18.97 -5.37 -2.23
N PRO A 181 20.08 -5.93 -1.73
CA PRO A 181 20.01 -6.86 -0.59
C PRO A 181 19.57 -6.19 0.71
N LEU A 182 18.61 -6.81 1.38
CA LEU A 182 18.11 -6.30 2.65
C LEU A 182 19.01 -6.78 3.78
N SER A 183 19.04 -6.05 4.89
CA SER A 183 19.87 -6.43 6.02
C SER A 183 19.07 -7.36 6.93
N GLU A 184 19.75 -7.97 7.89
CA GLU A 184 19.10 -8.85 8.84
C GLU A 184 18.02 -8.09 9.59
N ALA A 185 18.34 -6.86 10.00
CA ALA A 185 17.41 -6.03 10.76
C ALA A 185 16.14 -5.71 9.98
N GLU A 186 16.29 -5.38 8.70
CA GLU A 186 15.15 -5.05 7.87
C GLU A 186 14.22 -6.25 7.67
N MET A 187 14.78 -7.43 7.43
CA MET A 187 13.95 -8.61 7.24
C MET A 187 13.28 -8.98 8.56
N ALA A 188 13.96 -8.74 9.67
CA ALA A 188 13.40 -9.04 10.99
C ALA A 188 12.16 -8.19 11.23
N ALA A 189 12.22 -6.93 10.81
CA ALA A 189 11.09 -6.03 10.98
C ALA A 189 9.91 -6.46 10.12
N TYR A 190 10.20 -6.97 8.92
CA TYR A 190 9.13 -7.40 8.03
C TYR A 190 8.49 -8.73 8.43
N ARG A 191 9.26 -9.65 9.01
CA ARG A 191 8.68 -10.93 9.38
C ARG A 191 8.09 -10.96 10.79
N GLU A 192 8.42 -9.95 11.58
CA GLU A 192 7.95 -9.87 12.97
C GLU A 192 6.43 -10.10 13.15
N PRO A 193 5.60 -9.52 12.28
CA PRO A 193 4.15 -9.71 12.43
C PRO A 193 3.69 -11.10 12.03
N PHE A 194 4.60 -11.85 11.39
CA PHE A 194 4.27 -13.18 10.88
C PHE A 194 5.23 -14.28 11.32
N LEU A 195 5.76 -14.15 12.53
CA LEU A 195 6.69 -15.13 13.06
C LEU A 195 6.04 -16.48 13.30
N ALA A 196 4.76 -16.46 13.67
CA ALA A 196 4.05 -17.71 13.93
C ALA A 196 3.35 -18.27 12.70
N ALA A 197 3.55 -19.56 12.45
CA ALA A 197 2.90 -20.20 11.31
C ALA A 197 1.41 -20.26 11.62
N GLY A 198 0.58 -20.32 10.58
CA GLY A 198 -0.84 -20.39 10.81
C GLY A 198 -1.58 -19.11 10.44
N GLU A 199 -2.72 -18.90 11.10
CA GLU A 199 -3.56 -17.74 10.83
C GLU A 199 -2.92 -16.36 10.98
N ALA A 200 -1.82 -16.27 11.73
CA ALA A 200 -1.15 -14.99 11.90
C ALA A 200 -0.72 -14.45 10.53
N ARG A 201 -0.44 -15.36 9.60
CA ARG A 201 0.00 -15.01 8.25
C ARG A 201 -1.15 -14.90 7.25
N ARG A 202 -2.38 -15.13 7.71
CA ARG A 202 -3.55 -15.08 6.84
C ARG A 202 -3.70 -13.82 5.98
N PRO A 203 -3.36 -12.64 6.53
CA PRO A 203 -3.50 -11.42 5.72
C PRO A 203 -2.66 -11.45 4.45
N THR A 204 -1.50 -12.12 4.52
CA THR A 204 -0.61 -12.18 3.37
C THR A 204 -1.05 -13.16 2.30
N LEU A 205 -2.07 -13.96 2.60
CA LEU A 205 -2.62 -14.93 1.66
C LEU A 205 -3.97 -14.41 1.15
N SER A 206 -4.75 -13.81 2.03
CA SER A 206 -6.05 -13.27 1.64
C SER A 206 -5.87 -12.15 0.61
N TRP A 207 -4.78 -11.38 0.75
CA TRP A 207 -4.53 -10.29 -0.18
C TRP A 207 -4.36 -10.72 -1.63
N PRO A 208 -3.47 -11.69 -1.91
CA PRO A 208 -3.33 -12.09 -3.33
C PRO A 208 -4.61 -12.70 -3.90
N ARG A 209 -5.45 -13.25 -3.02
CA ARG A 209 -6.71 -13.85 -3.47
C ARG A 209 -7.75 -12.78 -3.78
N GLN A 210 -7.43 -11.54 -3.40
CA GLN A 210 -8.35 -10.42 -3.61
C GLN A 210 -8.00 -9.55 -4.83
N ILE A 211 -6.82 -9.74 -5.39
CA ILE A 211 -6.42 -8.96 -6.55
C ILE A 211 -7.46 -9.13 -7.66
N PRO A 212 -7.97 -8.02 -8.21
CA PRO A 212 -8.96 -8.10 -9.28
C PRO A 212 -8.35 -8.56 -10.60
N ILE A 213 -8.31 -9.88 -10.79
CA ILE A 213 -7.74 -10.47 -12.00
C ILE A 213 -8.74 -11.38 -12.67
N ALA A 214 -8.89 -11.20 -13.99
CA ALA A 214 -9.80 -12.01 -14.78
C ALA A 214 -11.22 -12.09 -14.22
N GLY A 215 -11.72 -10.97 -13.71
CA GLY A 215 -13.07 -10.91 -13.18
C GLY A 215 -13.32 -11.38 -11.76
N THR A 216 -12.30 -11.90 -11.09
CA THR A 216 -12.45 -12.40 -9.72
C THR A 216 -11.43 -11.79 -8.75
N PRO A 217 -11.88 -11.41 -7.54
CA PRO A 217 -13.26 -11.50 -7.06
C PRO A 217 -14.11 -10.36 -7.63
N ALA A 218 -15.38 -10.66 -7.91
CA ALA A 218 -16.29 -9.68 -8.49
C ALA A 218 -16.45 -8.35 -7.72
N ASP A 219 -16.51 -8.41 -6.40
CA ASP A 219 -16.69 -7.17 -5.65
C ASP A 219 -15.50 -6.22 -5.75
N VAL A 220 -14.28 -6.77 -5.68
CA VAL A 220 -13.09 -5.93 -5.77
C VAL A 220 -12.92 -5.43 -7.21
N VAL A 221 -13.31 -6.26 -8.18
CA VAL A 221 -13.22 -5.86 -9.58
C VAL A 221 -14.09 -4.63 -9.79
N ALA A 222 -15.29 -4.67 -9.21
CA ALA A 222 -16.23 -3.56 -9.33
C ALA A 222 -15.69 -2.30 -8.67
N ILE A 223 -15.14 -2.46 -7.47
CA ILE A 223 -14.57 -1.34 -6.74
C ILE A 223 -13.42 -0.71 -7.52
N ALA A 224 -12.54 -1.55 -8.05
CA ALA A 224 -11.39 -1.06 -8.82
C ALA A 224 -11.84 -0.41 -10.12
N ARG A 225 -12.86 -0.99 -10.75
N ARG A 225 -12.87 -0.99 -10.73
CA ARG A 225 -13.39 -0.43 -11.98
CA ARG A 225 -13.43 -0.46 -11.96
C ARG A 225 -13.90 0.97 -11.67
C ARG A 225 -13.94 0.95 -11.69
N ASP A 226 -14.52 1.12 -10.50
CA ASP A 226 -15.05 2.41 -10.07
C ASP A 226 -13.99 3.48 -9.87
N TYR A 227 -12.97 3.21 -9.05
CA TYR A 227 -11.96 4.22 -8.85
C TYR A 227 -11.07 4.44 -10.07
N ALA A 228 -10.95 3.43 -10.92
CA ALA A 228 -10.15 3.57 -12.13
C ALA A 228 -10.83 4.61 -13.02
N GLY A 229 -12.14 4.47 -13.21
CA GLY A 229 -12.87 5.41 -14.04
C GLY A 229 -12.81 6.82 -13.46
N TRP A 230 -13.02 6.92 -12.16
CA TRP A 230 -13.00 8.22 -11.48
C TRP A 230 -11.64 8.90 -11.60
N LEU A 231 -10.58 8.17 -11.27
CA LEU A 231 -9.23 8.72 -11.35
C LEU A 231 -8.86 9.16 -12.76
N SER A 232 -9.39 8.48 -13.77
CA SER A 232 -9.09 8.85 -15.15
C SER A 232 -9.76 10.17 -15.53
N GLU A 233 -10.68 10.63 -14.69
CA GLU A 233 -11.41 11.87 -14.94
C GLU A 233 -11.16 12.97 -13.91
N SER A 234 -10.72 12.58 -12.72
CA SER A 234 -10.50 13.55 -11.63
C SER A 234 -9.37 14.54 -11.87
N PRO A 235 -9.60 15.82 -11.59
CA PRO A 235 -8.58 16.86 -11.77
C PRO A 235 -7.67 16.97 -10.55
N ILE A 236 -7.87 16.12 -9.56
CA ILE A 236 -7.02 16.15 -8.37
C ILE A 236 -5.57 15.95 -8.79
N PRO A 237 -4.64 16.76 -8.25
CA PRO A 237 -3.22 16.64 -8.60
C PRO A 237 -2.70 15.25 -8.27
N LYS A 238 -1.90 14.69 -9.19
CA LYS A 238 -1.34 13.36 -8.99
C LYS A 238 0.15 13.31 -9.26
N LEU A 239 0.82 12.39 -8.58
CA LEU A 239 2.25 12.17 -8.74
C LEU A 239 2.40 10.67 -8.98
N PHE A 240 2.78 10.29 -10.18
CA PHE A 240 2.96 8.88 -10.52
C PHE A 240 4.44 8.54 -10.49
N ILE A 241 4.83 7.71 -9.54
CA ILE A 241 6.21 7.30 -9.46
C ILE A 241 6.35 5.97 -10.17
N ASN A 242 6.80 6.04 -11.42
CA ASN A 242 6.98 4.87 -12.24
C ASN A 242 8.28 4.20 -11.82
N ALA A 243 8.40 2.90 -12.09
CA ALA A 243 9.61 2.18 -11.72
C ALA A 243 10.15 1.38 -12.90
N GLU A 244 11.47 1.21 -12.92
CA GLU A 244 12.12 0.45 -13.98
C GLU A 244 13.03 -0.58 -13.30
N PRO A 245 12.84 -1.87 -13.60
CA PRO A 245 11.88 -2.46 -14.54
C PRO A 245 10.42 -2.39 -14.07
N GLY A 246 10.22 -2.19 -12.77
CA GLY A 246 8.87 -2.14 -12.25
C GLY A 246 8.29 -3.54 -12.22
N ALA A 247 6.99 -3.67 -11.94
CA ALA A 247 6.38 -4.97 -11.90
C ALA A 247 4.88 -4.92 -12.17
N LEU A 248 4.11 -4.51 -11.18
CA LEU A 248 2.66 -4.44 -11.31
C LEU A 248 2.19 -3.31 -12.23
N THR A 249 2.78 -2.13 -12.05
CA THR A 249 2.39 -0.99 -12.88
C THR A 249 3.29 -0.84 -14.09
N THR A 250 3.07 -1.75 -15.04
CA THR A 250 3.80 -1.79 -16.30
C THR A 250 2.75 -2.20 -17.34
N GLY A 251 3.17 -2.36 -18.59
CA GLY A 251 2.22 -2.76 -19.62
C GLY A 251 0.95 -1.94 -19.65
N ARG A 252 -0.19 -2.59 -19.87
CA ARG A 252 -1.48 -1.91 -19.96
C ARG A 252 -1.83 -1.02 -18.77
N MET A 253 -1.58 -1.48 -17.54
CA MET A 253 -1.92 -0.65 -16.39
C MET A 253 -1.15 0.67 -16.43
N ARG A 254 0.13 0.60 -16.78
CA ARG A 254 0.95 1.80 -16.86
C ARG A 254 0.41 2.71 -17.96
N ASP A 255 0.03 2.14 -19.09
CA ASP A 255 -0.51 2.93 -20.19
C ASP A 255 -1.76 3.66 -19.69
N PHE A 256 -2.57 2.95 -18.92
CA PHE A 256 -3.79 3.52 -18.37
C PHE A 256 -3.49 4.66 -17.38
N CYS A 257 -2.60 4.41 -16.43
CA CYS A 257 -2.25 5.44 -15.45
C CYS A 257 -1.72 6.70 -16.12
N ARG A 258 -1.03 6.54 -17.23
CA ARG A 258 -0.47 7.68 -17.93
C ARG A 258 -1.51 8.55 -18.66
N THR A 259 -2.78 8.18 -18.55
CA THR A 259 -3.83 8.99 -19.19
C THR A 259 -4.54 9.81 -18.11
N TRP A 260 -4.19 9.59 -16.85
CA TRP A 260 -4.80 10.30 -15.73
C TRP A 260 -4.45 11.79 -15.78
N PRO A 261 -5.44 12.66 -15.55
CA PRO A 261 -5.31 14.13 -15.57
C PRO A 261 -4.50 14.77 -14.46
N ASN A 262 -3.93 15.94 -14.78
CA ASN A 262 -3.16 16.73 -13.83
C ASN A 262 -2.14 15.89 -13.07
N GLN A 263 -1.33 15.13 -13.83
CA GLN A 263 -0.37 14.23 -13.23
C GLN A 263 1.10 14.44 -13.65
N THR A 264 1.98 14.39 -12.65
CA THR A 264 3.41 14.53 -12.85
C THR A 264 3.97 13.12 -12.69
N GLU A 265 4.97 12.78 -13.49
CA GLU A 265 5.57 11.45 -13.41
C GLU A 265 7.09 11.46 -13.38
N ILE A 266 7.66 10.54 -12.60
CA ILE A 266 9.12 10.38 -12.53
C ILE A 266 9.35 8.88 -12.55
N THR A 267 10.55 8.47 -12.93
CA THR A 267 10.88 7.05 -12.96
C THR A 267 12.05 6.79 -12.03
N VAL A 268 11.94 5.75 -11.20
CA VAL A 268 13.00 5.39 -10.27
C VAL A 268 13.33 3.91 -10.43
N ALA A 269 14.51 3.52 -9.99
CA ALA A 269 14.93 2.12 -10.08
C ALA A 269 14.16 1.27 -9.09
N GLY A 270 13.71 0.09 -9.53
CA GLY A 270 12.97 -0.78 -8.65
C GLY A 270 12.04 -1.76 -9.34
N ALA A 271 11.62 -2.78 -8.61
CA ALA A 271 10.70 -3.80 -9.12
C ALA A 271 9.32 -3.49 -8.55
N HIS A 272 8.98 -4.10 -7.41
CA HIS A 272 7.68 -3.82 -6.80
C HIS A 272 7.79 -3.00 -5.52
N PHE A 273 8.56 -3.47 -4.55
CA PHE A 273 8.73 -2.74 -3.29
C PHE A 273 9.83 -1.69 -3.50
N ILE A 274 9.59 -0.79 -4.44
CA ILE A 274 10.57 0.24 -4.81
C ILE A 274 11.04 1.17 -3.69
N GLN A 275 10.29 1.19 -2.59
CA GLN A 275 10.66 2.02 -1.45
C GLN A 275 12.01 1.57 -0.88
N GLU A 276 12.33 0.29 -1.05
CA GLU A 276 13.58 -0.24 -0.54
C GLU A 276 14.74 -0.03 -1.51
N ASP A 277 14.43 0.38 -2.74
CA ASP A 277 15.48 0.61 -3.73
C ASP A 277 15.83 2.07 -3.97
N SER A 278 14.82 2.93 -4.00
CA SER A 278 15.04 4.35 -4.26
C SER A 278 14.27 5.25 -3.31
N PRO A 279 14.43 5.05 -1.99
CA PRO A 279 13.71 5.88 -1.01
C PRO A 279 13.96 7.38 -1.12
N ASP A 280 15.20 7.77 -1.36
CA ASP A 280 15.54 9.19 -1.46
C ASP A 280 14.91 9.86 -2.67
N GLU A 281 14.93 9.18 -3.82
CA GLU A 281 14.34 9.73 -5.03
C GLU A 281 12.83 9.85 -4.84
N ILE A 282 12.23 8.83 -4.23
CA ILE A 282 10.80 8.80 -3.97
C ILE A 282 10.43 9.88 -2.97
N GLY A 283 11.17 9.97 -1.87
CA GLY A 283 10.90 10.97 -0.85
C GLY A 283 11.01 12.38 -1.40
N ALA A 284 12.07 12.65 -2.14
CA ALA A 284 12.30 13.98 -2.70
C ALA A 284 11.16 14.37 -3.64
N ALA A 285 10.70 13.42 -4.45
CA ALA A 285 9.63 13.70 -5.39
C ALA A 285 8.32 14.01 -4.64
N ILE A 286 8.01 13.23 -3.62
CA ILE A 286 6.79 13.47 -2.85
C ILE A 286 6.86 14.82 -2.15
N ALA A 287 8.03 15.15 -1.60
CA ALA A 287 8.20 16.43 -0.91
C ALA A 287 7.94 17.59 -1.86
N ALA A 288 8.53 17.53 -3.05
CA ALA A 288 8.35 18.58 -4.05
C ALA A 288 6.88 18.73 -4.43
N PHE A 289 6.23 17.58 -4.63
CA PHE A 289 4.81 17.51 -4.97
C PHE A 289 4.00 18.24 -3.90
N VAL A 290 4.24 17.88 -2.64
CA VAL A 290 3.52 18.50 -1.53
C VAL A 290 3.83 20.00 -1.39
N 2MR A 291 5.08 20.40 -1.61
CA 2MR A 291 5.42 21.82 -1.49
CB 2MR A 291 6.94 22.00 -1.57
CG 2MR A 291 7.64 21.64 -0.26
CD 2MR A 291 9.05 22.20 -0.16
NE 2MR A 291 9.99 21.32 -0.83
CZ 2MR A 291 10.86 20.47 -0.27
NH1 2MR A 291 11.59 19.75 -1.10
CQ1 2MR A 291 11.42 19.93 -2.54
NH2 2MR A 291 11.04 20.34 1.05
CQ2 2MR A 291 10.34 21.12 2.06
C 2MR A 291 4.68 22.63 -2.55
O 2MR A 291 4.30 23.78 -2.30
N ARG A 292 4.45 22.03 -3.72
CA ARG A 292 3.73 22.72 -4.78
C ARG A 292 2.25 22.79 -4.40
N LEU A 293 1.77 21.78 -3.69
CA LEU A 293 0.38 21.73 -3.26
C LEU A 293 0.11 22.60 -2.05
N ARG A 294 1.16 22.87 -1.27
CA ARG A 294 1.04 23.68 -0.06
C ARG A 294 2.06 24.82 -0.09
N PRO A 295 1.92 25.76 -1.05
CA PRO A 295 2.82 26.90 -1.19
C PRO A 295 2.84 27.85 -0.01
N ALA A 296 4.03 28.38 0.29
CA ALA A 296 4.24 29.31 1.39
C ALA A 296 5.73 29.64 1.48
CA CA B . -0.68 -21.84 -13.64
CA CA C . -7.46 23.69 6.69
CA CA D . 16.18 -9.22 -4.09
CL CL E . -1.11 -9.37 -2.89
CL1 DCE F . 3.73 -7.67 -8.37
CL1 DCE F . 1.47 -7.84 -6.44
C1 DCE F . 2.89 -8.53 -7.07
C1 DCE F . 3.14 -8.31 -6.11
C2 DCE F . 3.72 -8.42 -5.77
C2 DCE F . 3.83 -8.70 -7.43
CL2 DCE F . 2.75 -7.68 -4.51
CL2 DCE F . 4.15 -7.24 -8.38
#